data_7XN2
#
_entry.id   7XN2
#
_cell.length_a   78.579
_cell.length_b   49.703
_cell.length_c   40.520
_cell.angle_alpha   90.000
_cell.angle_beta   116.040
_cell.angle_gamma   90.000
#
_symmetry.space_group_name_H-M   'C 1 2 1'
#
loop_
_entity.id
_entity.type
_entity.pdbx_description
1 polymer 'Alr3614 protein'
2 non-polymer "ADENOSINE-5'-TRIPHOSPHATE"
3 non-polymer DI(HYDROXYETHYL)ETHER
4 water water
#
_entity_poly.entity_id   1
_entity_poly.type   'polypeptide(L)'
_entity_poly.pdbx_seq_one_letter_code
;HMGSMEGKFYTSTEASEITHCSRRQLQYWREKGVIVPTVNSSGKGRNVYYSKADLLALTVMEQLLSTGLNFDLCYAALQT
LRKQEPWLFDESVPEEKMKRLMLLPTRSPEQPLQLAEFDKQAALEALCHGQTVIPFWSDRIHQQLRENLKSFSS
;
_entity_poly.pdbx_strand_id   A
#
# COMPACT_ATOMS: atom_id res chain seq x y z
N GLY A 7 8.37 -2.99 -17.59
CA GLY A 7 9.66 -2.80 -16.95
C GLY A 7 10.19 -4.05 -16.28
N LYS A 8 10.63 -3.91 -15.03
CA LYS A 8 11.06 -5.05 -14.25
C LYS A 8 9.86 -5.79 -13.67
N PHE A 9 9.91 -7.13 -13.75
CA PHE A 9 8.88 -7.99 -13.21
C PHE A 9 9.49 -8.95 -12.20
N TYR A 10 8.68 -9.31 -11.20
CA TYR A 10 9.13 -10.07 -10.04
C TYR A 10 8.21 -11.25 -9.78
N THR A 11 8.79 -12.38 -9.39
CA THR A 11 7.98 -13.55 -9.10
C THR A 11 7.32 -13.39 -7.72
N SER A 12 6.40 -14.29 -7.39
CA SER A 12 5.70 -14.18 -6.11
C SER A 12 6.65 -14.31 -4.94
N THR A 13 7.62 -15.21 -5.03
CA THR A 13 8.56 -15.38 -3.93
C THR A 13 9.47 -14.17 -3.82
N GLU A 14 9.92 -13.63 -4.96
CA GLU A 14 10.67 -12.38 -4.97
C GLU A 14 9.84 -11.25 -4.38
N ALA A 15 8.57 -11.13 -4.78
CA ALA A 15 7.71 -10.08 -4.24
C ALA A 15 7.51 -10.27 -2.75
N SER A 16 7.27 -11.52 -2.32
CA SER A 16 7.07 -11.81 -0.90
C SER A 16 8.27 -11.37 -0.08
N GLU A 17 9.47 -11.66 -0.57
CA GLU A 17 10.67 -11.35 0.19
C GLU A 17 11.02 -9.88 0.13
N ILE A 18 10.72 -9.21 -1.00
CA ILE A 18 11.03 -7.78 -1.09
C ILE A 18 10.19 -7.00 -0.11
N THR A 19 8.87 -7.24 -0.10
CA THR A 19 7.90 -6.41 0.62
C THR A 19 7.53 -6.95 2.00
N HIS A 20 8.08 -8.10 2.40
CA HIS A 20 7.81 -8.72 3.69
C HIS A 20 6.32 -9.03 3.87
N CYS A 21 5.69 -9.45 2.77
CA CYS A 21 4.38 -10.10 2.78
C CYS A 21 4.58 -11.59 2.57
N SER A 22 3.87 -12.41 3.33
CA SER A 22 3.98 -13.84 3.13
C SER A 22 3.33 -14.24 1.81
N ARG A 23 3.75 -15.40 1.29
CA ARG A 23 3.09 -15.93 0.10
C ARG A 23 1.60 -16.11 0.35
N ARG A 24 1.23 -16.53 1.56
CA ARG A 24 -0.18 -16.72 1.89
C ARG A 24 -0.94 -15.40 1.80
N GLN A 25 -0.32 -14.30 2.23
CA GLN A 25 -0.97 -13.00 2.07
C GLN A 25 -1.14 -12.64 0.61
N LEU A 26 -0.09 -12.83 -0.20
CA LEU A 26 -0.20 -12.49 -1.61
C LEU A 26 -1.32 -13.28 -2.26
N GLN A 27 -1.40 -14.59 -1.98
CA GLN A 27 -2.44 -15.41 -2.58
C GLN A 27 -3.83 -14.93 -2.18
N TYR A 28 -4.01 -14.63 -0.89
CA TYR A 28 -5.29 -14.10 -0.42
C TYR A 28 -5.62 -12.78 -1.09
N TRP A 29 -4.65 -11.87 -1.19
CA TRP A 29 -4.94 -10.57 -1.78
C TRP A 29 -5.19 -10.68 -3.29
N ARG A 30 -4.54 -11.63 -3.96
CA ARG A 30 -4.89 -11.94 -5.34
C ARG A 30 -6.33 -12.45 -5.44
N GLU A 31 -6.67 -13.43 -4.60
CA GLU A 31 -8.00 -14.02 -4.64
C GLU A 31 -9.08 -12.97 -4.44
N LYS A 32 -8.82 -12.00 -3.56
CA LYS A 32 -9.84 -11.00 -3.25
C LYS A 32 -9.80 -9.80 -4.19
N GLY A 33 -8.82 -9.72 -5.09
CA GLY A 33 -8.78 -8.61 -6.02
C GLY A 33 -8.07 -7.39 -5.49
N VAL A 34 -7.37 -7.50 -4.36
CA VAL A 34 -6.62 -6.38 -3.80
C VAL A 34 -5.51 -5.97 -4.73
N ILE A 35 -4.80 -6.96 -5.24
CA ILE A 35 -3.73 -6.72 -6.19
C ILE A 35 -3.94 -7.67 -7.35
N VAL A 36 -3.65 -7.19 -8.55
CA VAL A 36 -3.86 -7.98 -9.76
C VAL A 36 -2.53 -8.09 -10.51
N PRO A 37 -1.67 -9.02 -10.15
CA PRO A 37 -0.43 -9.22 -10.91
C PRO A 37 -0.78 -9.77 -12.28
N THR A 38 0.23 -9.75 -13.16
CA THR A 38 0.07 -10.29 -14.50
C THR A 38 0.25 -11.80 -14.44
N VAL A 39 -0.67 -12.53 -15.10
CA VAL A 39 -0.71 -13.98 -15.03
C VAL A 39 -0.80 -14.57 -16.42
N ASN A 40 -0.58 -15.87 -16.51
CA ASN A 40 -0.85 -16.60 -17.74
C ASN A 40 -1.41 -17.96 -17.35
N SER A 41 -1.53 -18.85 -18.33
CA SER A 41 -2.07 -20.18 -18.07
C SER A 41 -1.22 -20.93 -17.02
N SER A 42 -1.86 -21.85 -16.32
CA SER A 42 -1.19 -22.57 -15.25
C SER A 42 -0.27 -23.66 -15.79
N GLY A 43 0.82 -23.88 -15.07
CA GLY A 43 1.76 -24.91 -15.46
C GLY A 43 2.86 -25.02 -14.44
N LYS A 44 3.86 -25.83 -14.77
CA LYS A 44 4.97 -26.09 -13.86
C LYS A 44 5.89 -24.89 -13.71
N GLY A 45 5.94 -24.01 -14.72
CA GLY A 45 6.80 -22.85 -14.67
C GLY A 45 6.17 -21.68 -13.93
N ARG A 46 6.95 -20.59 -13.85
CA ARG A 46 6.44 -19.35 -13.29
C ARG A 46 5.27 -18.83 -14.13
N ASN A 47 4.23 -18.36 -13.45
CA ASN A 47 3.10 -17.83 -14.19
C ASN A 47 2.44 -16.60 -13.55
N VAL A 48 2.97 -16.07 -12.43
CA VAL A 48 2.46 -14.85 -11.80
C VAL A 48 3.62 -13.86 -11.69
N TYR A 49 3.42 -12.62 -12.14
CA TYR A 49 4.51 -11.64 -12.14
C TYR A 49 4.02 -10.29 -11.64
N TYR A 50 4.73 -9.73 -10.66
CA TYR A 50 4.43 -8.43 -10.09
C TYR A 50 5.30 -7.36 -10.73
N SER A 51 4.69 -6.23 -11.10
CA SER A 51 5.39 -5.03 -11.52
C SER A 51 5.91 -4.27 -10.32
N LYS A 52 6.77 -3.28 -10.56
CA LYS A 52 7.21 -2.39 -9.49
C LYS A 52 6.04 -1.64 -8.87
N ALA A 53 5.03 -1.26 -9.67
CA ALA A 53 3.86 -0.62 -9.09
C ALA A 53 3.10 -1.59 -8.21
N ASP A 54 3.05 -2.88 -8.60
CA ASP A 54 2.40 -3.88 -7.74
C ASP A 54 3.16 -4.01 -6.43
N LEU A 55 4.48 -3.97 -6.49
CA LEU A 55 5.27 -4.05 -5.27
C LEU A 55 4.98 -2.88 -4.37
N LEU A 56 4.76 -1.69 -4.96
CA LEU A 56 4.39 -0.52 -4.17
C LEU A 56 3.05 -0.74 -3.49
N ALA A 57 2.08 -1.29 -4.23
CA ALA A 57 0.77 -1.59 -3.65
C ALA A 57 0.89 -2.61 -2.52
N LEU A 58 1.73 -3.64 -2.71
CA LEU A 58 2.02 -4.57 -1.60
C LEU A 58 2.61 -3.85 -0.40
N THR A 59 3.52 -2.90 -0.64
CA THR A 59 4.17 -2.19 0.45
C THR A 59 3.15 -1.35 1.21
N VAL A 60 2.24 -0.71 0.48
CA VAL A 60 1.15 0.04 1.10
C VAL A 60 0.29 -0.89 1.94
N MET A 61 -0.12 -2.02 1.34
CA MET A 61 -1.01 -2.92 2.08
C MET A 61 -0.37 -3.43 3.38
N GLU A 62 0.90 -3.84 3.32
CA GLU A 62 1.59 -4.33 4.51
C GLU A 62 1.69 -3.23 5.56
N GLN A 63 1.92 -2.00 5.11
CA GLN A 63 2.02 -0.88 6.04
C GLN A 63 0.67 -0.57 6.67
N LEU A 64 -0.39 -0.50 5.85
CA LEU A 64 -1.73 -0.27 6.45
C LEU A 64 -2.09 -1.37 7.45
N LEU A 65 -1.82 -2.64 7.10
CA LEU A 65 -2.15 -3.71 8.05
C LEU A 65 -1.34 -3.61 9.34
N SER A 66 -0.15 -3.02 9.28
CA SER A 66 0.66 -2.84 10.48
C SER A 66 0.11 -1.78 11.41
N THR A 67 -0.83 -0.94 10.94
CA THR A 67 -1.39 0.07 11.79
C THR A 67 -2.45 -0.51 12.72
N GLY A 68 -2.86 -1.75 12.48
CA GLY A 68 -3.98 -2.37 13.15
C GLY A 68 -5.29 -2.25 12.41
N LEU A 69 -5.32 -1.49 11.32
CA LEU A 69 -6.54 -1.29 10.54
C LEU A 69 -7.03 -2.62 9.97
N ASN A 70 -8.34 -2.85 10.03
CA ASN A 70 -8.85 -4.15 9.61
C ASN A 70 -8.68 -4.30 8.11
N PHE A 71 -8.74 -5.54 7.63
CA PHE A 71 -8.46 -5.81 6.21
C PHE A 71 -9.39 -5.03 5.30
N ASP A 72 -10.69 -5.03 5.60
CA ASP A 72 -11.62 -4.38 4.67
C ASP A 72 -11.28 -2.92 4.48
N LEU A 73 -10.89 -2.24 5.57
CA LEU A 73 -10.50 -0.84 5.48
C LEU A 73 -9.13 -0.62 4.86
N CYS A 74 -8.18 -1.54 5.07
CA CYS A 74 -6.94 -1.49 4.31
C CYS A 74 -7.19 -1.58 2.83
N TYR A 75 -8.02 -2.56 2.41
CA TYR A 75 -8.40 -2.67 1.00
C TYR A 75 -9.04 -1.39 0.51
N ALA A 76 -9.99 -0.86 1.28
CA ALA A 76 -10.64 0.39 0.89
C ALA A 76 -9.66 1.55 0.80
N ALA A 77 -8.72 1.62 1.75
CA ALA A 77 -7.66 2.64 1.71
C ALA A 77 -6.80 2.49 0.48
N LEU A 78 -6.40 1.26 0.16
CA LEU A 78 -5.57 1.09 -1.04
C LEU A 78 -6.32 1.50 -2.29
N GLN A 79 -7.62 1.16 -2.38
CA GLN A 79 -8.41 1.55 -3.54
C GLN A 79 -8.51 3.06 -3.63
N THR A 80 -8.71 3.72 -2.51
CA THR A 80 -8.84 5.18 -2.49
C THR A 80 -7.50 5.84 -2.84
N LEU A 81 -6.40 5.30 -2.32
CA LEU A 81 -5.08 5.83 -2.70
C LEU A 81 -4.82 5.70 -4.19
N ARG A 82 -5.08 4.51 -4.77
CA ARG A 82 -4.79 4.30 -6.18
C ARG A 82 -5.64 5.20 -7.06
N LYS A 83 -6.89 5.45 -6.68
CA LYS A 83 -7.77 6.28 -7.48
C LYS A 83 -7.51 7.76 -7.26
N GLN A 84 -7.45 8.19 -6.00
CA GLN A 84 -7.42 9.59 -5.64
C GLN A 84 -6.01 10.14 -5.50
N GLU A 85 -5.02 9.29 -5.23
CA GLU A 85 -3.64 9.74 -5.07
C GLU A 85 -2.72 8.99 -6.01
N PRO A 86 -3.01 8.97 -7.32
CA PRO A 86 -2.17 8.17 -8.22
C PRO A 86 -0.72 8.63 -8.28
N TRP A 87 -0.39 9.88 -7.89
CA TRP A 87 1.00 10.31 -7.76
C TRP A 87 1.81 9.45 -6.81
N LEU A 88 1.14 8.79 -5.86
CA LEU A 88 1.83 7.87 -4.96
C LEU A 88 2.44 6.70 -5.73
N PHE A 89 1.85 6.30 -6.85
CA PHE A 89 2.28 5.13 -7.59
C PHE A 89 2.95 5.48 -8.92
N ASP A 90 3.08 6.77 -9.22
CA ASP A 90 3.49 7.25 -10.54
C ASP A 90 5.00 7.18 -10.79
N GLU A 91 5.82 7.29 -9.74
CA GLU A 91 7.24 7.59 -9.88
C GLU A 91 7.47 8.98 -10.47
N SER A 92 6.44 9.82 -10.44
CA SER A 92 6.56 11.21 -10.85
C SER A 92 7.26 12.03 -9.78
N VAL A 93 6.63 12.11 -8.61
CA VAL A 93 7.09 12.98 -7.54
C VAL A 93 8.28 12.31 -6.86
N PRO A 94 9.45 12.92 -6.85
CA PRO A 94 10.53 12.41 -5.99
C PRO A 94 10.08 12.40 -4.54
N GLU A 95 10.64 11.45 -3.77
CA GLU A 95 10.17 11.23 -2.40
C GLU A 95 10.20 12.51 -1.56
N GLU A 96 11.16 13.40 -1.85
CA GLU A 96 11.26 14.64 -1.10
C GLU A 96 10.04 15.55 -1.28
N LYS A 97 9.30 15.40 -2.37
CA LYS A 97 8.14 16.24 -2.63
C LYS A 97 6.81 15.51 -2.47
N MET A 98 6.82 14.23 -2.12
CA MET A 98 5.58 13.54 -1.84
C MET A 98 4.94 14.05 -0.55
N LYS A 99 3.61 14.08 -0.55
CA LYS A 99 2.88 14.59 0.60
C LYS A 99 2.49 13.48 1.55
N ARG A 100 2.69 13.75 2.83
CA ARG A 100 2.26 12.84 3.88
C ARG A 100 0.77 13.00 4.11
N LEU A 101 0.13 11.87 4.44
CA LEU A 101 -1.32 11.74 4.51
C LEU A 101 -1.73 11.26 5.89
N MET A 102 -3.04 11.25 6.11
CA MET A 102 -3.53 10.61 7.32
C MET A 102 -4.88 9.98 7.00
N LEU A 103 -5.13 8.82 7.60
CA LEU A 103 -6.39 8.11 7.41
C LEU A 103 -7.22 8.26 8.68
N LEU A 104 -8.49 8.61 8.49
CA LEU A 104 -9.45 8.80 9.58
C LEU A 104 -10.62 7.84 9.41
N PRO A 105 -10.67 6.73 10.13
CA PRO A 105 -11.80 5.80 9.98
C PRO A 105 -13.08 6.43 10.52
N THR A 106 -14.20 6.12 9.87
CA THR A 106 -15.49 6.69 10.25
C THR A 106 -16.47 5.57 10.60
N ARG A 107 -17.67 5.99 10.98
CA ARG A 107 -18.78 5.09 11.26
C ARG A 107 -19.78 5.00 10.11
N SER A 108 -19.46 5.54 8.95
CA SER A 108 -20.39 5.47 7.82
C SER A 108 -20.04 4.30 6.94
N PRO A 109 -20.92 3.30 6.78
CA PRO A 109 -20.61 2.20 5.85
C PRO A 109 -20.37 2.65 4.43
N GLU A 110 -21.12 3.66 3.95
CA GLU A 110 -20.93 4.14 2.59
C GLU A 110 -19.56 4.81 2.41
N GLN A 111 -19.14 5.64 3.37
CA GLN A 111 -17.85 6.31 3.33
C GLN A 111 -17.14 5.98 4.64
N PRO A 112 -16.51 4.80 4.71
CA PRO A 112 -15.95 4.33 5.99
C PRO A 112 -14.57 4.87 6.29
N LEU A 113 -13.95 5.59 5.36
CA LEU A 113 -12.60 6.03 5.61
C LEU A 113 -12.43 7.40 4.95
N GLN A 114 -11.90 8.36 5.70
CA GLN A 114 -11.48 9.65 5.16
C GLN A 114 -9.98 9.65 4.99
N LEU A 115 -9.50 10.19 3.86
CA LEU A 115 -8.08 10.37 3.64
C LEU A 115 -7.82 11.84 3.42
N ALA A 116 -6.83 12.39 4.11
CA ALA A 116 -6.51 13.81 4.09
C ALA A 116 -5.01 14.00 4.08
N GLU A 117 -4.57 15.18 3.65
CA GLU A 117 -3.18 15.57 3.85
C GLU A 117 -2.89 15.65 5.34
N PHE A 118 -1.73 15.16 5.77
CA PHE A 118 -1.40 15.31 7.17
C PHE A 118 -1.11 16.77 7.52
N ASP A 119 -1.73 17.29 8.57
CA ASP A 119 -1.16 18.48 9.20
C ASP A 119 -1.38 18.40 10.70
N LYS A 120 -0.39 18.88 11.45
CA LYS A 120 -0.36 18.63 12.90
C LYS A 120 -1.55 19.25 13.60
N GLN A 121 -1.93 20.46 13.20
CA GLN A 121 -3.04 21.15 13.87
C GLN A 121 -4.32 20.36 13.73
N ALA A 122 -4.66 19.98 12.49
CA ALA A 122 -5.88 19.23 12.26
C ALA A 122 -5.83 17.86 12.90
N ALA A 123 -4.65 17.22 12.88
CA ALA A 123 -4.52 15.88 13.45
C ALA A 123 -4.71 15.92 14.95
N LEU A 124 -4.12 16.91 15.61
CA LEU A 124 -4.28 16.99 17.06
C LEU A 124 -5.71 17.36 17.43
N GLU A 125 -6.34 18.21 16.62
CA GLU A 125 -7.75 18.52 16.85
C GLU A 125 -8.60 17.27 16.74
N ALA A 126 -8.34 16.42 15.74
CA ALA A 126 -9.10 15.17 15.62
C ALA A 126 -8.91 14.29 16.85
N LEU A 127 -7.68 14.18 17.36
CA LEU A 127 -7.46 13.36 18.55
C LEU A 127 -8.21 13.91 19.75
N CYS A 128 -8.16 15.22 19.93
CA CYS A 128 -8.85 15.82 21.06
C CYS A 128 -10.36 15.64 20.95
N HIS A 129 -10.88 15.48 19.72
CA HIS A 129 -12.29 15.13 19.54
C HIS A 129 -12.57 13.64 19.69
N GLY A 130 -11.56 12.82 19.97
CA GLY A 130 -11.82 11.40 20.12
C GLY A 130 -11.70 10.59 18.85
N GLN A 131 -11.18 11.18 17.76
CA GLN A 131 -11.11 10.50 16.47
C GLN A 131 -9.77 9.80 16.30
N THR A 132 -9.80 8.55 15.82
CA THR A 132 -8.58 7.84 15.48
C THR A 132 -7.86 8.47 14.28
N VAL A 133 -6.54 8.62 14.39
CA VAL A 133 -5.72 9.16 13.29
C VAL A 133 -4.63 8.17 12.96
N ILE A 134 -4.49 7.85 11.68
CA ILE A 134 -3.52 6.90 11.17
C ILE A 134 -2.60 7.65 10.22
N PRO A 135 -1.40 8.04 10.68
CA PRO A 135 -0.47 8.73 9.76
C PRO A 135 -0.03 7.79 8.65
N PHE A 136 0.13 8.34 7.45
CA PHE A 136 0.54 7.54 6.30
C PHE A 136 1.62 8.32 5.59
N TRP A 137 2.88 7.94 5.82
CA TRP A 137 4.01 8.69 5.30
C TRP A 137 4.34 8.20 3.89
N SER A 138 3.80 8.89 2.88
CA SER A 138 4.02 8.49 1.49
C SER A 138 5.50 8.34 1.17
N ASP A 139 6.34 9.27 1.64
CA ASP A 139 7.76 9.20 1.31
C ASP A 139 8.41 7.95 1.87
N ARG A 140 8.06 7.58 3.11
CA ARG A 140 8.62 6.39 3.74
C ARG A 140 8.24 5.14 2.98
N ILE A 141 7.02 5.11 2.45
CA ILE A 141 6.55 3.99 1.64
C ILE A 141 7.47 3.82 0.46
N HIS A 142 7.66 4.89 -0.30
CA HIS A 142 8.49 4.81 -1.49
C HIS A 142 9.96 4.59 -1.15
N GLN A 143 10.42 5.17 -0.04
CA GLN A 143 11.79 4.94 0.43
C GLN A 143 11.99 3.49 0.83
N GLN A 144 10.98 2.88 1.46
CA GLN A 144 11.12 1.52 1.98
C GLN A 144 11.23 0.51 0.84
N LEU A 145 10.35 0.63 -0.15
CA LEU A 145 10.46 -0.27 -1.29
C LEU A 145 11.78 -0.05 -2.02
N ARG A 146 12.18 1.22 -2.21
CA ARG A 146 13.42 1.49 -2.95
C ARG A 146 14.60 0.86 -2.25
N GLU A 147 14.60 0.89 -0.92
CA GLU A 147 15.71 0.35 -0.14
C GLU A 147 15.63 -1.17 -0.06
N ASN A 148 14.43 -1.73 0.02
CA ASN A 148 14.27 -3.18 -0.12
C ASN A 148 14.76 -3.67 -1.49
N LEU A 149 14.51 -2.87 -2.54
CA LEU A 149 14.92 -3.25 -3.89
C LEU A 149 16.41 -3.07 -4.12
N LYS A 150 16.99 -1.96 -3.64
CA LYS A 150 18.43 -1.80 -3.74
C LYS A 150 19.14 -2.91 -2.97
N SER A 151 18.57 -3.31 -1.83
CA SER A 151 19.10 -4.43 -1.07
C SER A 151 18.89 -5.73 -1.82
N PHE A 152 17.73 -5.87 -2.46
CA PHE A 152 17.32 -7.11 -3.10
C PHE A 152 18.36 -7.66 -4.06
N SER A 153 18.98 -6.80 -4.85
CA SER A 153 20.01 -7.27 -5.76
C SER A 153 21.20 -7.86 -5.00
N SER A 154 21.42 -7.42 -3.77
CA SER A 154 22.61 -7.80 -3.01
C SER A 154 22.27 -8.24 -1.59
#